data_1BXL
#
_entry.id   1BXL
#
_cell.length_a   1.000
_cell.length_b   1.000
_cell.length_c   1.000
_cell.angle_alpha   90.00
_cell.angle_beta   90.00
_cell.angle_gamma   90.00
#
_symmetry.space_group_name_H-M   'P 1'
#
loop_
_entity.id
_entity.type
_entity.pdbx_description
1 polymer BCL-XL
2 polymer 'BAK PEPTIDE'
#
loop_
_entity_poly.entity_id
_entity_poly.type
_entity_poly.pdbx_seq_one_letter_code
_entity_poly.pdbx_strand_id
1 'polypeptide(L)'
;MSMAMSQSNRELVVDFLSYKLSQKGYSWSQFSDVEENRTEAPEGTESEMETPSAINGNPSWHLADSPAVNGATGHSSSLD
AREVIPMAAVKQALREAGDEFELRYRRAFSDLTSQLHITPGTAYQSFEQVVNELFRDGVNWGRIVAFFSFGGALCVESVD
KEMQVLVSRIAAWMATYLNDHLEPWIQENGGWDTFVELYGNNAAAESRKGQERLEHHHHHH
;
A
2 'polypeptide(L)' GQVGRQLAIIGDDINR B
#
# COMPACT_ATOMS: atom_id res chain seq x y z
N MET A 1 18.63 4.77 19.44
CA MET A 1 17.33 5.39 19.83
C MET A 1 16.17 4.64 19.14
N SER A 2 16.35 3.38 18.88
CA SER A 2 15.26 2.60 18.21
C SER A 2 14.09 2.45 19.17
N MET A 3 13.04 1.80 18.73
CA MET A 3 11.85 1.61 19.62
C MET A 3 10.75 0.90 18.84
N ALA A 4 10.60 1.20 17.58
CA ALA A 4 9.55 0.55 16.77
C ALA A 4 9.80 0.82 15.28
N MET A 5 11.04 0.82 14.88
CA MET A 5 11.34 1.07 13.44
C MET A 5 11.06 -0.20 12.62
N SER A 6 11.27 -1.35 13.22
CA SER A 6 11.02 -2.62 12.48
C SER A 6 9.62 -3.13 12.84
N GLN A 7 9.19 -2.91 14.05
CA GLN A 7 7.84 -3.38 14.46
C GLN A 7 6.78 -2.49 13.81
N SER A 8 7.09 -1.24 13.59
CA SER A 8 6.10 -0.32 12.97
C SER A 8 5.76 -0.80 11.56
N ASN A 9 6.67 -1.49 10.91
CA ASN A 9 6.38 -1.98 9.53
C ASN A 9 5.14 -2.88 9.56
N ARG A 10 5.16 -3.92 10.36
CA ARG A 10 3.98 -4.82 10.44
C ARG A 10 2.75 -4.04 10.92
N GLU A 11 2.95 -2.90 11.54
CA GLU A 11 1.80 -2.10 12.04
C GLU A 11 1.15 -1.35 10.87
N LEU A 12 1.92 -0.95 9.91
CA LEU A 12 1.34 -0.22 8.74
C LEU A 12 0.57 -1.19 7.85
N VAL A 13 1.11 -2.36 7.65
CA VAL A 13 0.42 -3.37 6.78
C VAL A 13 -0.85 -3.85 7.48
N VAL A 14 -0.77 -4.12 8.76
CA VAL A 14 -1.98 -4.62 9.50
C VAL A 14 -3.05 -3.53 9.55
N ASP A 15 -2.66 -2.29 9.65
CA ASP A 15 -3.68 -1.20 9.71
C ASP A 15 -4.29 -0.98 8.33
N PHE A 16 -3.55 -1.22 7.28
CA PHE A 16 -4.10 -1.03 5.90
C PHE A 16 -5.16 -2.08 5.63
N LEU A 17 -4.96 -3.29 6.07
CA LEU A 17 -5.98 -4.36 5.82
C LEU A 17 -7.14 -4.21 6.80
N SER A 18 -6.91 -3.62 7.94
CA SER A 18 -8.01 -3.45 8.93
C SER A 18 -9.05 -2.47 8.37
N TYR A 19 -8.60 -1.37 7.83
CA TYR A 19 -9.56 -0.38 7.26
C TYR A 19 -10.05 -0.85 5.89
N LYS A 20 -9.24 -1.60 5.19
CA LYS A 20 -9.66 -2.08 3.85
C LYS A 20 -10.91 -2.96 3.99
N LEU A 21 -10.81 -4.05 4.70
CA LEU A 21 -11.99 -4.94 4.87
C LEU A 21 -13.11 -4.17 5.59
N SER A 22 -12.76 -3.39 6.57
CA SER A 22 -13.80 -2.62 7.31
C SER A 22 -14.62 -1.78 6.32
N GLN A 23 -14.03 -1.38 5.24
CA GLN A 23 -14.77 -0.57 4.23
C GLN A 23 -15.99 -1.36 3.74
N LYS A 24 -15.76 -2.47 3.10
CA LYS A 24 -16.91 -3.28 2.60
C LYS A 24 -17.84 -3.63 3.76
N GLY A 25 -17.45 -4.56 4.59
CA GLY A 25 -18.32 -4.94 5.73
C GLY A 25 -17.81 -6.26 6.35
N TYR A 26 -16.53 -6.38 6.51
CA TYR A 26 -15.97 -7.64 7.10
C TYR A 26 -14.97 -7.28 8.20
N SER A 27 -14.78 -8.17 9.14
CA SER A 27 -13.81 -7.88 10.24
C SER A 27 -12.43 -8.35 9.83
N TRP A 28 -11.40 -7.84 10.46
CA TRP A 28 -10.02 -8.26 10.10
C TRP A 28 -9.49 -9.25 11.14
N SER A 29 -9.54 -8.89 12.40
CA SER A 29 -9.04 -9.81 13.46
C SER A 29 -9.80 -11.14 13.42
N GLN A 30 -10.96 -11.17 12.81
CA GLN A 30 -11.74 -12.44 12.73
C GLN A 30 -10.87 -13.57 12.18
N PHE A 31 -10.03 -13.29 11.22
CA PHE A 31 -9.16 -14.35 10.64
C PHE A 31 -7.72 -13.85 10.52
N SER A 32 -7.32 -12.93 11.36
CA SER A 32 -5.93 -12.42 11.28
C SER A 32 -5.41 -12.16 12.70
N ASP A 33 -4.31 -12.77 13.05
CA ASP A 33 -3.74 -12.56 14.41
C ASP A 33 -4.81 -12.89 15.46
N VAL A 34 -5.72 -13.77 15.13
CA VAL A 34 -6.79 -14.12 16.11
C VAL A 34 -6.15 -14.60 17.42
N GLU A 35 -4.97 -15.18 17.35
CA GLU A 35 -4.30 -15.65 18.59
C GLU A 35 -4.16 -14.48 19.56
N GLU A 36 -4.69 -14.62 20.75
CA GLU A 36 -4.60 -13.52 21.74
C GLU A 36 -3.13 -13.26 22.09
N ASN A 37 -2.87 -12.64 23.22
CA ASN A 37 -1.47 -12.36 23.61
C ASN A 37 -0.85 -11.35 22.64
N ARG A 38 -1.18 -10.10 22.79
CA ARG A 38 -0.62 -9.06 21.89
C ARG A 38 0.40 -8.21 22.65
N THR A 39 0.95 -7.22 22.00
CA THR A 39 1.96 -6.36 22.69
C THR A 39 1.32 -5.02 23.07
N GLU A 40 0.33 -4.59 22.32
CA GLU A 40 -0.38 -3.29 22.58
C GLU A 40 0.40 -2.09 22.02
N ALA A 41 1.72 -2.12 22.04
CA ALA A 41 2.49 -0.97 21.50
C ALA A 41 2.29 0.24 22.40
N PRO A 42 3.17 1.21 22.26
CA PRO A 42 3.13 2.45 23.05
C PRO A 42 1.97 3.33 22.58
N GLU A 43 1.86 3.56 21.30
CA GLU A 43 0.75 4.42 20.80
C GLU A 43 0.81 4.48 19.26
N GLY A 44 1.98 4.55 18.70
CA GLY A 44 2.09 4.62 17.23
C GLY A 44 2.11 6.08 16.78
N THR A 45 3.27 6.59 16.43
CA THR A 45 3.35 8.01 15.99
C THR A 45 3.70 8.07 14.51
N GLU A 46 4.43 7.10 14.02
CA GLU A 46 4.81 7.11 12.58
C GLU A 46 3.55 6.91 11.72
N SER A 47 2.64 6.09 12.16
CA SER A 47 1.40 5.86 11.37
C SER A 47 0.57 7.15 11.28
N GLU A 48 0.85 8.13 12.08
CA GLU A 48 0.06 9.39 12.00
C GLU A 48 0.15 9.96 10.58
N ALA A 89 1.23 10.59 10.25
CA ALA A 89 1.37 11.18 8.88
C ALA A 89 1.59 10.06 7.85
N VAL A 90 2.19 8.97 8.24
CA VAL A 90 2.42 7.87 7.26
C VAL A 90 1.07 7.28 6.83
N LYS A 91 0.38 6.65 7.74
CA LYS A 91 -0.94 6.05 7.39
C LYS A 91 -1.82 7.09 6.71
N GLN A 92 -1.72 8.33 7.11
CA GLN A 92 -2.56 9.38 6.47
C GLN A 92 -2.31 9.39 4.96
N ALA A 93 -1.08 9.53 4.57
CA ALA A 93 -0.74 9.55 3.12
C ALA A 93 -1.04 8.19 2.48
N LEU A 94 -1.13 7.15 3.28
CA LEU A 94 -1.42 5.80 2.70
C LEU A 94 -2.93 5.67 2.44
N ARG A 95 -3.74 6.43 3.12
CA ARG A 95 -5.21 6.33 2.90
C ARG A 95 -5.59 7.15 1.68
N GLU A 96 -5.09 8.35 1.56
CA GLU A 96 -5.43 9.19 0.39
C GLU A 96 -4.69 8.66 -0.84
N ALA A 97 -3.52 8.12 -0.64
CA ALA A 97 -2.73 7.58 -1.79
C ALA A 97 -3.28 6.21 -2.20
N GLY A 98 -3.87 5.50 -1.29
CA GLY A 98 -4.43 4.16 -1.64
C GLY A 98 -5.77 4.32 -2.35
N ASP A 99 -6.53 5.32 -1.99
CA ASP A 99 -7.85 5.53 -2.64
C ASP A 99 -7.64 6.19 -4.01
N GLU A 100 -6.61 6.98 -4.14
CA GLU A 100 -6.36 7.66 -5.44
C GLU A 100 -5.68 6.68 -6.41
N PHE A 101 -4.89 5.79 -5.90
CA PHE A 101 -4.20 4.80 -6.79
C PHE A 101 -5.23 3.80 -7.28
N GLU A 102 -6.14 3.40 -6.42
CA GLU A 102 -7.18 2.43 -6.83
C GLU A 102 -8.12 3.07 -7.84
N LEU A 103 -8.57 4.27 -7.57
CA LEU A 103 -9.49 4.96 -8.51
C LEU A 103 -8.80 5.10 -9.87
N ARG A 104 -7.52 5.31 -9.87
CA ARG A 104 -6.81 5.48 -11.18
C ARG A 104 -6.52 4.11 -11.81
N TYR A 105 -6.52 3.06 -11.04
CA TYR A 105 -6.23 1.72 -11.63
C TYR A 105 -7.45 1.25 -12.44
N ARG A 106 -8.62 1.37 -11.91
CA ARG A 106 -9.83 0.93 -12.66
C ARG A 106 -10.19 2.00 -13.68
N ARG A 107 -9.97 3.24 -13.34
CA ARG A 107 -10.28 4.36 -14.27
C ARG A 107 -9.27 4.38 -15.43
N ALA A 108 -8.20 3.64 -15.33
CA ALA A 108 -7.20 3.64 -16.44
C ALA A 108 -7.13 2.25 -17.09
N PHE A 109 -7.63 1.23 -16.45
CA PHE A 109 -7.58 -0.13 -17.06
C PHE A 109 -8.75 -0.98 -16.54
N SER A 110 -8.69 -1.41 -15.31
CA SER A 110 -9.80 -2.25 -14.76
C SER A 110 -9.51 -2.59 -13.29
N ASP A 111 -10.18 -3.57 -12.75
CA ASP A 111 -9.95 -3.95 -11.33
C ASP A 111 -8.69 -4.81 -11.22
N LEU A 112 -8.24 -5.07 -10.02
CA LEU A 112 -7.02 -5.90 -9.84
C LEU A 112 -7.40 -7.33 -9.48
N THR A 113 -8.03 -7.52 -8.35
CA THR A 113 -8.43 -8.89 -7.94
C THR A 113 -9.46 -9.43 -8.94
N SER A 114 -10.24 -8.57 -9.54
CA SER A 114 -11.25 -9.05 -10.52
C SER A 114 -10.54 -9.87 -11.60
N GLN A 115 -9.34 -9.48 -11.92
CA GLN A 115 -8.57 -10.22 -12.95
C GLN A 115 -7.88 -11.43 -12.31
N LEU A 116 -7.57 -11.34 -11.04
CA LEU A 116 -6.91 -12.49 -10.35
C LEU A 116 -7.95 -13.55 -10.00
N HIS A 117 -7.52 -14.67 -9.49
CA HIS A 117 -8.48 -15.75 -9.12
C HIS A 117 -8.47 -15.93 -7.60
N ILE A 118 -7.33 -15.79 -6.99
CA ILE A 118 -7.23 -15.94 -5.51
C ILE A 118 -7.53 -17.38 -5.11
N THR A 119 -6.73 -17.92 -4.23
CA THR A 119 -6.93 -19.32 -3.76
C THR A 119 -5.75 -19.71 -2.86
N PRO A 120 -6.01 -20.54 -1.88
CA PRO A 120 -4.98 -20.99 -0.94
C PRO A 120 -4.06 -22.01 -1.63
N GLY A 121 -3.07 -21.53 -2.34
CA GLY A 121 -2.14 -22.46 -3.04
C GLY A 121 -1.42 -21.70 -4.17
N THR A 122 -2.13 -20.86 -4.88
CA THR A 122 -1.49 -20.10 -5.99
C THR A 122 -1.81 -18.61 -5.84
N ALA A 123 -2.02 -18.16 -4.63
CA ALA A 123 -2.32 -16.72 -4.42
C ALA A 123 -1.02 -15.94 -4.25
N TYR A 124 -0.15 -16.42 -3.41
CA TYR A 124 1.16 -15.71 -3.21
C TYR A 124 1.85 -15.55 -4.56
N GLN A 125 1.67 -16.48 -5.45
CA GLN A 125 2.33 -16.39 -6.78
C GLN A 125 1.75 -15.20 -7.55
N SER A 126 0.46 -14.99 -7.48
CA SER A 126 -0.15 -13.85 -8.20
C SER A 126 0.47 -12.55 -7.70
N PHE A 127 0.43 -12.31 -6.43
CA PHE A 127 1.02 -11.06 -5.88
C PHE A 127 2.53 -11.04 -6.16
N GLU A 128 3.13 -12.18 -6.39
CA GLU A 128 4.59 -12.21 -6.69
C GLU A 128 4.84 -11.67 -8.10
N GLN A 129 3.92 -11.89 -9.00
CA GLN A 129 4.10 -11.39 -10.39
C GLN A 129 3.89 -9.88 -10.42
N VAL A 130 2.90 -9.39 -9.72
CA VAL A 130 2.66 -7.92 -9.71
C VAL A 130 3.82 -7.22 -8.99
N VAL A 131 4.41 -7.87 -8.03
CA VAL A 131 5.55 -7.25 -7.29
C VAL A 131 6.72 -7.04 -8.25
N ASN A 132 7.19 -8.08 -8.87
CA ASN A 132 8.34 -7.95 -9.81
C ASN A 132 8.00 -6.90 -10.88
N GLU A 133 6.77 -6.85 -11.30
CA GLU A 133 6.37 -5.86 -12.34
C GLU A 133 6.78 -4.46 -11.88
N LEU A 134 6.24 -4.02 -10.78
CA LEU A 134 6.57 -2.66 -10.26
C LEU A 134 8.09 -2.48 -10.16
N PHE A 135 8.75 -3.39 -9.50
CA PHE A 135 10.24 -3.27 -9.37
C PHE A 135 10.88 -3.35 -10.74
N ARG A 136 11.18 -2.23 -11.34
CA ARG A 136 11.82 -2.24 -12.68
C ARG A 136 13.33 -2.44 -12.54
N ASP A 137 13.89 -2.05 -11.42
CA ASP A 137 15.36 -2.23 -11.22
C ASP A 137 15.68 -2.16 -9.73
N GLY A 138 15.11 -1.21 -9.03
CA GLY A 138 15.37 -1.09 -7.57
C GLY A 138 14.06 -0.83 -6.83
N VAL A 139 13.98 0.28 -6.14
CA VAL A 139 12.71 0.59 -5.40
C VAL A 139 12.39 2.07 -5.55
N ASN A 140 11.47 2.41 -6.42
CA ASN A 140 11.12 3.84 -6.60
C ASN A 140 9.79 4.14 -5.90
N TRP A 141 9.66 5.30 -5.31
CA TRP A 141 8.40 5.64 -4.61
C TRP A 141 7.22 5.46 -5.57
N GLY A 142 6.02 5.37 -5.06
CA GLY A 142 4.84 5.19 -5.95
C GLY A 142 4.44 3.71 -5.97
N ARG A 143 5.36 2.84 -6.28
CA ARG A 143 5.02 1.39 -6.32
C ARG A 143 4.72 0.89 -4.90
N ILE A 144 5.25 1.55 -3.91
CA ILE A 144 4.99 1.12 -2.50
C ILE A 144 3.53 1.36 -2.14
N VAL A 145 3.00 2.50 -2.50
CA VAL A 145 1.57 2.78 -2.18
C VAL A 145 0.66 1.88 -3.00
N ALA A 146 0.94 1.73 -4.26
CA ALA A 146 0.10 0.84 -5.11
C ALA A 146 0.14 -0.59 -4.56
N PHE A 147 1.23 -0.95 -3.94
CA PHE A 147 1.35 -2.33 -3.38
C PHE A 147 0.53 -2.41 -2.08
N PHE A 148 0.39 -1.31 -1.38
CA PHE A 148 -0.39 -1.34 -0.12
C PHE A 148 -1.87 -1.58 -0.43
N SER A 149 -2.46 -0.76 -1.26
CA SER A 149 -3.90 -0.93 -1.60
C SER A 149 -4.08 -2.21 -2.44
N PHE A 150 -3.08 -2.61 -3.16
CA PHE A 150 -3.22 -3.84 -4.00
C PHE A 150 -3.44 -5.06 -3.10
N GLY A 151 -2.55 -5.30 -2.18
CA GLY A 151 -2.71 -6.47 -1.28
C GLY A 151 -4.02 -6.35 -0.51
N GLY A 152 -4.37 -5.16 -0.08
CA GLY A 152 -5.64 -4.99 0.67
C GLY A 152 -6.82 -5.42 -0.20
N ALA A 153 -6.71 -5.24 -1.49
CA ALA A 153 -7.83 -5.64 -2.39
C ALA A 153 -7.93 -7.17 -2.41
N LEU A 154 -6.83 -7.84 -2.57
CA LEU A 154 -6.86 -9.34 -2.60
C LEU A 154 -7.44 -9.86 -1.28
N CYS A 155 -7.25 -9.13 -0.21
CA CYS A 155 -7.79 -9.57 1.11
C CYS A 155 -9.30 -9.44 1.11
N VAL A 156 -9.82 -8.38 0.54
CA VAL A 156 -11.29 -8.19 0.51
C VAL A 156 -11.94 -9.31 -0.29
N GLU A 157 -11.67 -9.37 -1.57
CA GLU A 157 -12.28 -10.45 -2.41
C GLU A 157 -11.93 -11.82 -1.81
N SER A 158 -10.85 -11.92 -1.10
CA SER A 158 -10.46 -13.23 -0.51
C SER A 158 -11.55 -13.68 0.48
N VAL A 159 -11.91 -12.83 1.40
CA VAL A 159 -12.96 -13.21 2.39
C VAL A 159 -14.28 -13.48 1.66
N ASP A 160 -14.59 -12.69 0.67
CA ASP A 160 -15.86 -12.91 -0.09
C ASP A 160 -15.82 -14.27 -0.81
N LYS A 161 -14.65 -14.77 -1.09
CA LYS A 161 -14.55 -16.08 -1.79
C LYS A 161 -14.33 -17.20 -0.77
N GLU A 162 -14.78 -17.01 0.45
CA GLU A 162 -14.59 -18.06 1.48
C GLU A 162 -13.11 -18.42 1.57
N MET A 163 -12.27 -17.44 1.74
CA MET A 163 -10.80 -17.71 1.84
C MET A 163 -10.23 -16.98 3.05
N GLN A 164 -10.78 -17.24 4.21
CA GLN A 164 -10.26 -16.56 5.45
C GLN A 164 -8.78 -16.86 5.60
N VAL A 165 -8.39 -18.10 5.45
CA VAL A 165 -6.94 -18.44 5.59
C VAL A 165 -6.14 -17.65 4.56
N LEU A 166 -6.73 -17.36 3.42
CA LEU A 166 -5.99 -16.60 2.39
C LEU A 166 -5.71 -15.19 2.91
N VAL A 167 -6.63 -14.63 3.64
CA VAL A 167 -6.41 -13.25 4.18
C VAL A 167 -5.12 -13.21 4.99
N SER A 168 -5.02 -14.03 6.01
CA SER A 168 -3.79 -14.05 6.84
C SER A 168 -2.57 -14.28 5.94
N ARG A 169 -2.74 -15.02 4.88
CA ARG A 169 -1.59 -15.29 3.97
C ARG A 169 -1.05 -13.97 3.42
N ILE A 170 -1.90 -13.14 2.88
CA ILE A 170 -1.44 -11.85 2.33
C ILE A 170 -0.96 -10.93 3.46
N ALA A 171 -1.36 -11.18 4.67
CA ALA A 171 -0.91 -10.31 5.80
C ALA A 171 0.57 -10.57 6.08
N ALA A 172 1.00 -11.80 5.97
CA ALA A 172 2.44 -12.11 6.22
C ALA A 172 3.26 -11.71 4.99
N TRP A 173 2.69 -11.76 3.83
CA TRP A 173 3.43 -11.38 2.60
C TRP A 173 3.58 -9.86 2.52
N MET A 174 2.67 -9.13 3.13
CA MET A 174 2.76 -7.65 3.08
C MET A 174 3.76 -7.17 4.14
N ALA A 175 3.63 -7.65 5.35
CA ALA A 175 4.58 -7.22 6.42
C ALA A 175 5.98 -7.79 6.14
N THR A 176 6.06 -8.86 5.40
CA THR A 176 7.40 -9.44 5.10
C THR A 176 8.07 -8.61 4.00
N TYR A 177 7.42 -8.46 2.87
CA TYR A 177 8.02 -7.67 1.77
C TYR A 177 8.36 -6.26 2.29
N LEU A 178 7.61 -5.76 3.21
CA LEU A 178 7.89 -4.41 3.76
C LEU A 178 9.12 -4.48 4.68
N ASN A 179 9.24 -5.54 5.43
CA ASN A 179 10.40 -5.66 6.35
C ASN A 179 11.56 -6.42 5.68
N ASP A 180 11.49 -6.64 4.39
CA ASP A 180 12.61 -7.38 3.73
C ASP A 180 13.22 -6.53 2.59
N HIS A 181 12.50 -6.35 1.52
CA HIS A 181 13.06 -5.55 0.38
C HIS A 181 12.87 -4.06 0.65
N LEU A 182 11.73 -3.66 1.14
CA LEU A 182 11.49 -2.22 1.40
C LEU A 182 12.16 -1.81 2.73
N GLU A 183 12.69 -2.74 3.47
CA GLU A 183 13.35 -2.39 4.77
C GLU A 183 14.69 -1.68 4.55
N PRO A 184 15.59 -2.27 3.79
CA PRO A 184 16.91 -1.68 3.53
C PRO A 184 16.82 -0.47 2.60
N TRP A 185 15.66 -0.16 2.07
CA TRP A 185 15.57 1.03 1.17
C TRP A 185 14.81 2.16 1.87
N ILE A 186 13.97 1.85 2.80
CA ILE A 186 13.21 2.92 3.52
C ILE A 186 14.11 3.57 4.58
N GLN A 187 14.61 2.80 5.51
CA GLN A 187 15.50 3.38 6.55
C GLN A 187 16.71 4.08 5.90
N GLU A 188 17.04 3.72 4.69
CA GLU A 188 18.20 4.36 4.01
C GLU A 188 18.06 5.88 4.03
N ASN A 189 16.92 6.40 3.67
CA ASN A 189 16.74 7.89 3.66
C ASN A 189 15.33 8.25 4.13
N GLY A 190 14.93 7.79 5.29
CA GLY A 190 13.57 8.11 5.79
C GLY A 190 12.55 7.74 4.72
N GLY A 191 12.18 6.50 4.66
CA GLY A 191 11.20 6.07 3.63
C GLY A 191 9.78 6.45 4.04
N TRP A 192 9.55 6.70 5.31
CA TRP A 192 8.18 7.06 5.73
C TRP A 192 8.03 8.59 5.73
N ASP A 193 9.03 9.28 6.17
CA ASP A 193 8.94 10.77 6.16
C ASP A 193 9.00 11.24 4.71
N THR A 194 9.71 10.53 3.88
CA THR A 194 9.81 10.93 2.44
C THR A 194 8.53 10.51 1.73
N PHE A 195 8.06 9.30 1.96
CA PHE A 195 6.81 8.85 1.29
C PHE A 195 5.68 9.82 1.62
N VAL A 196 5.73 10.45 2.76
CA VAL A 196 4.67 11.41 3.15
C VAL A 196 4.97 12.78 2.54
N GLU A 197 6.22 13.08 2.34
CA GLU A 197 6.59 14.41 1.76
C GLU A 197 6.18 14.46 0.27
N LEU A 198 6.11 13.33 -0.37
CA LEU A 198 5.71 13.33 -1.82
C LEU A 198 4.26 12.87 -1.97
N TYR A 199 3.76 12.12 -1.02
CA TYR A 199 2.35 11.64 -1.12
C TYR A 199 1.58 12.08 0.13
N GLY A 200 1.84 13.27 0.61
CA GLY A 200 1.13 13.76 1.82
C GLY A 200 -0.37 13.83 1.55
N ASN A 201 -1.10 14.55 2.37
CA ASN A 201 -2.57 14.65 2.17
C ASN A 201 -2.86 15.28 0.81
N ASN A 202 -3.56 14.58 -0.05
CA ASN A 202 -3.88 15.12 -1.39
C ASN A 202 -2.59 15.57 -2.08
N ALA A 203 -1.54 14.82 -1.95
CA ALA A 203 -0.26 15.20 -2.60
C ALA A 203 -0.37 14.98 -4.12
N ALA A 204 -1.08 13.97 -4.53
CA ALA A 204 -1.23 13.71 -5.99
C ALA A 204 -1.77 14.97 -6.67
N ALA A 205 -2.84 15.52 -6.15
CA ALA A 205 -3.43 16.74 -6.76
C ALA A 205 -2.54 17.95 -6.43
N GLU A 206 -1.80 17.89 -5.36
CA GLU A 206 -0.91 19.02 -5.00
C GLU A 206 0.31 19.07 -5.93
N SER A 207 0.59 18.00 -6.63
CA SER A 207 1.75 18.00 -7.55
C SER A 207 1.41 18.80 -8.81
N ARG A 208 0.15 18.88 -9.14
CA ARG A 208 -0.27 19.65 -10.34
C ARG A 208 -0.74 21.05 -9.93
N LYS A 209 -1.19 21.21 -8.71
CA LYS A 209 -1.66 22.55 -8.26
C LYS A 209 -0.58 23.20 -7.40
N GLY A 210 -0.15 22.52 -6.37
CA GLY A 210 0.90 23.09 -5.48
C GLY A 210 2.15 23.47 -6.29
N GLN A 211 2.31 22.88 -7.46
CA GLN A 211 3.50 23.19 -8.31
C GLN A 211 3.71 24.71 -8.40
N GLU A 212 2.84 25.41 -9.08
CA GLU A 212 2.93 26.90 -9.19
C GLU A 212 4.27 27.36 -9.82
N ARG A 213 5.31 27.48 -9.02
CA ARG A 213 6.64 27.95 -9.51
C ARG A 213 7.03 27.40 -10.90
N LEU A 214 7.69 26.28 -10.98
CA LEU A 214 8.10 25.75 -12.33
C LEU A 214 6.91 25.24 -13.16
N GLU A 215 5.73 25.21 -12.62
CA GLU A 215 4.58 24.71 -13.41
C GLU A 215 4.19 25.74 -14.48
N HIS A 216 3.88 26.94 -14.07
CA HIS A 216 3.49 28.00 -15.06
C HIS A 216 3.00 29.25 -14.32
N HIS A 217 2.38 29.05 -13.17
CA HIS A 217 1.82 30.16 -12.31
C HIS A 217 1.94 31.56 -12.94
N HIS A 218 0.83 32.12 -13.35
CA HIS A 218 0.85 33.46 -13.99
C HIS A 218 0.49 34.56 -12.98
N HIS A 219 1.42 34.92 -12.13
CA HIS A 219 1.12 36.00 -11.13
C HIS A 219 2.42 36.72 -10.74
N HIS A 220 3.42 36.67 -11.58
CA HIS A 220 4.70 37.36 -11.25
C HIS A 220 4.44 38.84 -10.96
N HIS A 221 3.38 39.40 -11.48
CA HIS A 221 3.08 40.84 -11.22
C HIS A 221 4.24 41.69 -11.73
N GLY B 1 -0.22 -12.54 -16.77
CA GLY B 1 -0.43 -11.54 -15.69
C GLY B 1 -0.39 -10.13 -16.28
N GLN B 2 -1.46 -9.39 -16.12
CA GLN B 2 -1.49 -8.00 -16.68
C GLN B 2 -1.19 -7.00 -15.56
N VAL B 3 -1.70 -7.23 -14.38
CA VAL B 3 -1.43 -6.28 -13.25
C VAL B 3 0.07 -6.08 -13.09
N GLY B 4 0.46 -5.01 -12.46
CA GLY B 4 1.91 -4.76 -12.27
C GLY B 4 2.41 -3.92 -13.45
N ARG B 5 2.17 -4.35 -14.65
CA ARG B 5 2.62 -3.58 -15.84
C ARG B 5 1.83 -2.28 -15.91
N GLN B 6 0.59 -2.31 -15.50
CA GLN B 6 -0.25 -1.08 -15.54
C GLN B 6 -0.13 -0.35 -14.20
N LEU B 7 0.05 -1.09 -13.13
CA LEU B 7 0.17 -0.43 -11.79
C LEU B 7 1.29 0.61 -11.83
N ALA B 8 2.25 0.43 -12.70
CA ALA B 8 3.36 1.42 -12.80
C ALA B 8 2.95 2.57 -13.70
N ILE B 9 2.16 2.29 -14.71
CA ILE B 9 1.72 3.38 -15.63
C ILE B 9 1.02 4.48 -14.83
N ILE B 10 0.05 4.12 -14.03
CA ILE B 10 -0.66 5.15 -13.23
C ILE B 10 0.35 5.93 -12.38
N GLY B 11 1.44 5.30 -12.01
CA GLY B 11 2.47 5.99 -11.18
C GLY B 11 2.88 7.31 -11.83
N ASP B 12 3.10 7.32 -13.12
CA ASP B 12 3.50 8.57 -13.81
C ASP B 12 2.46 9.66 -13.54
N ASP B 13 1.23 9.42 -13.91
CA ASP B 13 0.16 10.44 -13.67
C ASP B 13 0.10 10.80 -12.19
N ILE B 14 0.57 9.95 -11.32
CA ILE B 14 0.53 10.26 -9.86
C ILE B 14 1.90 10.01 -9.25
N ASN B 15 2.93 10.61 -9.80
CA ASN B 15 4.29 10.41 -9.24
C ASN B 15 4.69 11.63 -8.41
N ARG B 16 4.69 11.50 -7.10
CA ARG B 16 5.07 12.66 -6.25
C ARG B 16 4.19 13.86 -6.60
#